data_4B41
#
_entry.id   4B41
#
_cell.length_a   29.178
_cell.length_b   32.596
_cell.length_c   52.197
_cell.angle_alpha   103.74
_cell.angle_beta   99.54
_cell.angle_gamma   90.62
#
_symmetry.space_group_name_H-M   'P 1'
#
loop_
_entity.id
_entity.type
_entity.pdbx_description
1 polymer 'ANTIBODY G7'
2 non-polymer 'CHLORIDE ION'
3 non-polymer GLYCEROL
4 water water
#
_entity_poly.entity_id   1
_entity_poly.type   'polypeptide(L)'
_entity_poly.pdbx_seq_one_letter_code
;EVQLVESGGGLVQPGGSLRLSCAASRSIISNNAMGWYRQAPGKQRELVARISSGGRTTYADSVKGRFTISRDNAKTTVYL
QMNSLKPEDTAVYYCNAASLVRGPLDHWGQGTQVTVSS
;
_entity_poly.pdbx_strand_id   A,B
#
loop_
_chem_comp.id
_chem_comp.type
_chem_comp.name
_chem_comp.formula
CL non-polymer 'CHLORIDE ION' 'Cl -1'
GOL non-polymer GLYCEROL 'C3 H8 O3'
#
# COMPACT_ATOMS: atom_id res chain seq x y z
N VAL A 2 5.05 5.64 -28.10
CA VAL A 2 4.68 4.80 -26.95
C VAL A 2 4.88 5.54 -25.63
N GLN A 3 3.79 6.00 -25.04
CA GLN A 3 3.86 6.75 -23.80
C GLN A 3 3.88 5.83 -22.59
N LEU A 4 4.78 6.11 -21.66
CA LEU A 4 4.83 5.43 -20.39
C LEU A 4 4.62 6.50 -19.32
N VAL A 5 3.50 6.42 -18.62
CA VAL A 5 3.09 7.47 -17.72
C VAL A 5 3.04 6.96 -16.29
N GLU A 6 3.99 7.40 -15.47
CA GLU A 6 4.15 6.91 -14.12
C GLU A 6 3.58 7.86 -13.09
N SER A 7 3.01 7.29 -12.04
CA SER A 7 2.50 8.09 -10.94
C SER A 7 2.54 7.28 -9.64
N GLY A 8 2.34 7.94 -8.52
CA GLY A 8 2.14 7.25 -7.26
C GLY A 8 3.27 7.39 -6.28
N GLY A 9 4.33 8.12 -6.65
CA GLY A 9 5.45 8.31 -5.75
C GLY A 9 5.07 9.20 -4.58
N GLY A 10 6.08 9.56 -3.79
CA GLY A 10 5.85 10.38 -2.62
C GLY A 10 7.00 10.29 -1.65
N LEU A 11 6.82 10.99 -0.54
CA LEU A 11 7.77 11.02 0.55
C LEU A 11 7.07 10.40 1.76
N VAL A 12 7.63 9.32 2.26
N VAL A 12 7.69 9.36 2.29
CA VAL A 12 7.04 8.60 3.36
CA VAL A 12 7.05 8.47 3.25
C VAL A 12 8.07 8.26 4.40
C VAL A 12 8.06 8.06 4.35
N GLN A 13 7.60 7.92 5.58
CA GLN A 13 8.44 7.44 6.66
C GLN A 13 8.78 5.99 6.40
N PRO A 14 9.90 5.53 6.96
CA PRO A 14 10.18 4.10 6.95
C PRO A 14 9.01 3.34 7.54
N GLY A 15 8.62 2.25 6.89
CA GLY A 15 7.46 1.48 7.31
C GLY A 15 6.19 1.86 6.56
N GLY A 16 6.22 2.94 5.80
CA GLY A 16 5.06 3.38 5.06
C GLY A 16 4.85 2.66 3.73
N SER A 17 3.91 3.16 2.95
CA SER A 17 3.49 2.50 1.73
C SER A 17 3.17 3.52 0.64
N LEU A 18 3.36 3.07 -0.59
CA LEU A 18 2.96 3.81 -1.78
C LEU A 18 2.44 2.81 -2.79
N ARG A 19 1.60 3.29 -3.71
CA ARG A 19 1.17 2.48 -4.83
C ARG A 19 1.51 3.19 -6.12
N LEU A 20 2.43 2.62 -6.88
CA LEU A 20 2.79 3.19 -8.18
C LEU A 20 1.86 2.71 -9.26
N SER A 21 1.65 3.55 -10.25
N SER A 21 1.63 3.56 -10.24
CA SER A 21 0.89 3.16 -11.42
CA SER A 21 0.81 3.25 -11.39
C SER A 21 1.67 3.50 -12.68
C SER A 21 1.54 3.60 -12.66
N CYS A 22 1.53 2.64 -13.67
N CYS A 22 1.61 2.64 -13.58
CA CYS A 22 2.15 2.80 -14.98
CA CYS A 22 2.13 2.92 -14.91
C CYS A 22 1.05 2.70 -16.00
C CYS A 22 1.03 2.73 -15.94
N ALA A 23 0.69 3.83 -16.61
CA ALA A 23 -0.36 3.83 -17.61
C ALA A 23 0.31 3.81 -18.97
N ALA A 24 -0.12 2.87 -19.80
CA ALA A 24 0.38 2.75 -21.14
C ALA A 24 -0.71 2.13 -21.99
N SER A 25 -0.49 2.07 -23.30
N SER A 25 -0.47 2.06 -23.29
CA SER A 25 -1.46 1.49 -24.19
CA SER A 25 -1.44 1.47 -24.20
C SER A 25 -1.61 0.01 -23.90
C SER A 25 -1.61 -0.01 -23.88
N ARG A 26 -2.83 -0.49 -24.07
CA ARG A 26 -3.12 -1.90 -23.92
C ARG A 26 -2.26 -2.71 -24.89
N SER A 27 -1.98 -2.13 -26.06
CA SER A 27 -1.16 -2.83 -27.05
C SER A 27 0.21 -3.17 -26.47
N ILE A 28 0.73 -2.31 -25.60
CA ILE A 28 2.00 -2.61 -24.95
C ILE A 28 1.81 -3.51 -23.73
N ILE A 29 0.97 -3.09 -22.79
CA ILE A 29 0.84 -3.81 -21.52
C ILE A 29 0.28 -5.23 -21.68
N SER A 30 -0.65 -5.43 -22.60
CA SER A 30 -1.23 -6.75 -22.72
C SER A 30 -0.35 -7.75 -23.47
N ASN A 31 0.57 -7.25 -24.29
CA ASN A 31 1.35 -8.13 -25.18
C ASN A 31 2.80 -8.32 -24.80
N ASN A 32 3.21 -7.69 -23.71
CA ASN A 32 4.60 -7.73 -23.29
C ASN A 32 4.70 -7.94 -21.80
N ALA A 33 5.74 -8.62 -21.37
CA ALA A 33 6.10 -8.56 -19.97
C ALA A 33 6.38 -7.11 -19.61
N MET A 34 5.93 -6.68 -18.43
CA MET A 34 6.15 -5.30 -18.01
C MET A 34 6.95 -5.34 -16.71
N GLY A 35 7.72 -4.30 -16.47
CA GLY A 35 8.51 -4.26 -15.26
C GLY A 35 8.51 -2.89 -14.62
N TRP A 36 8.77 -2.90 -13.32
CA TRP A 36 9.09 -1.69 -12.59
C TRP A 36 10.56 -1.70 -12.28
N TYR A 37 11.18 -0.58 -12.59
CA TYR A 37 12.61 -0.37 -12.43
C TYR A 37 12.81 0.81 -11.48
N ARG A 38 14.01 0.96 -10.93
CA ARG A 38 14.27 2.13 -10.11
C ARG A 38 15.74 2.54 -10.23
N GLN A 39 16.00 3.81 -9.97
CA GLN A 39 17.36 4.31 -10.02
C GLN A 39 17.55 5.34 -8.92
N ALA A 40 18.49 5.05 -8.04
CA ALA A 40 18.85 5.93 -6.93
C ALA A 40 20.11 6.71 -7.30
N PRO A 41 20.33 7.87 -6.66
CA PRO A 41 21.58 8.60 -6.90
C PRO A 41 22.81 7.70 -6.69
N GLY A 42 23.76 7.80 -7.61
CA GLY A 42 25.00 7.07 -7.49
C GLY A 42 24.92 5.60 -7.84
N LYS A 43 23.74 5.16 -8.32
CA LYS A 43 23.53 3.75 -8.65
C LYS A 43 22.96 3.58 -10.04
N GLN A 44 23.09 2.37 -10.59
CA GLN A 44 22.48 2.08 -11.88
C GLN A 44 21.00 1.77 -11.70
N ARG A 45 20.26 1.96 -12.79
CA ARG A 45 18.87 1.58 -12.83
C ARG A 45 18.78 0.05 -12.73
N GLU A 46 17.81 -0.44 -11.97
CA GLU A 46 17.66 -1.87 -11.74
C GLU A 46 16.18 -2.27 -11.81
N LEU A 47 15.95 -3.48 -12.27
CA LEU A 47 14.62 -4.06 -12.34
C LEU A 47 14.25 -4.61 -10.99
N VAL A 48 13.10 -4.22 -10.45
CA VAL A 48 12.71 -4.78 -9.16
C VAL A 48 11.50 -5.69 -9.19
N ALA A 49 10.64 -5.57 -10.22
CA ALA A 49 9.47 -6.43 -10.31
C ALA A 49 9.07 -6.57 -11.77
N ARG A 50 8.65 -7.77 -12.14
CA ARG A 50 8.24 -8.06 -13.51
C ARG A 50 6.96 -8.87 -13.50
N ILE A 51 6.08 -8.58 -14.45
CA ILE A 51 4.90 -9.41 -14.67
C ILE A 51 4.85 -9.81 -16.15
N SER A 52 4.84 -11.11 -16.41
CA SER A 52 4.84 -11.59 -17.78
C SER A 52 3.52 -11.26 -18.42
N SER A 53 3.45 -11.34 -19.75
CA SER A 53 2.20 -11.06 -20.44
C SER A 53 1.09 -12.01 -19.96
N GLY A 54 1.48 -13.19 -19.51
CA GLY A 54 0.56 -14.17 -18.97
C GLY A 54 0.27 -14.04 -17.49
N GLY A 55 0.90 -13.06 -16.83
CA GLY A 55 0.59 -12.76 -15.44
C GLY A 55 1.53 -13.32 -14.39
N ARG A 56 2.63 -13.94 -14.81
CA ARG A 56 3.57 -14.52 -13.86
C ARG A 56 4.47 -13.42 -13.27
N THR A 57 4.55 -13.35 -11.95
CA THR A 57 5.30 -12.28 -11.31
C THR A 57 6.65 -12.77 -10.78
N THR A 58 7.66 -11.91 -10.89
CA THR A 58 8.98 -12.19 -10.34
C THR A 58 9.53 -10.91 -9.72
N TYR A 59 10.32 -11.06 -8.67
CA TYR A 59 10.75 -9.92 -7.88
C TYR A 59 12.23 -9.98 -7.59
N ALA A 60 12.85 -8.82 -7.49
CA ALA A 60 14.20 -8.75 -6.95
C ALA A 60 14.16 -9.23 -5.50
N ASP A 61 15.22 -9.91 -5.08
CA ASP A 61 15.30 -10.39 -3.69
C ASP A 61 15.05 -9.31 -2.66
N SER A 62 15.54 -8.11 -2.95
CA SER A 62 15.45 -7.01 -2.01
C SER A 62 14.02 -6.54 -1.73
N VAL A 63 13.06 -6.89 -2.59
CA VAL A 63 11.69 -6.40 -2.41
C VAL A 63 10.67 -7.52 -2.20
N LYS A 64 11.12 -8.77 -2.26
CA LYS A 64 10.23 -9.92 -2.07
C LYS A 64 9.48 -9.83 -0.76
N GLY A 65 8.16 -10.04 -0.81
CA GLY A 65 7.36 -10.01 0.39
C GLY A 65 6.89 -8.62 0.77
N ARG A 66 7.42 -7.61 0.07
CA ARG A 66 7.04 -6.23 0.34
C ARG A 66 6.35 -5.54 -0.84
N PHE A 67 6.81 -5.82 -2.06
CA PHE A 67 6.24 -5.18 -3.24
C PHE A 67 5.42 -6.20 -4.01
N THR A 68 4.35 -5.74 -4.65
CA THR A 68 3.51 -6.61 -5.48
C THR A 68 3.22 -5.89 -6.79
N ILE A 69 3.52 -6.56 -7.90
CA ILE A 69 3.23 -6.00 -9.22
C ILE A 69 1.98 -6.66 -9.76
N SER A 70 1.12 -5.87 -10.41
CA SER A 70 -0.09 -6.44 -10.98
C SER A 70 -0.53 -5.62 -12.18
N ARG A 71 -1.44 -6.17 -12.98
N ARG A 71 -1.42 -6.22 -12.98
CA ARG A 71 -2.04 -5.45 -14.08
CA ARG A 71 -2.11 -5.53 -14.05
C ARG A 71 -3.54 -5.38 -13.87
C ARG A 71 -3.53 -5.25 -13.60
N ASP A 72 -4.15 -4.25 -14.19
CA ASP A 72 -5.59 -4.10 -13.99
C ASP A 72 -6.36 -4.89 -15.05
N ASN A 73 -7.69 -4.97 -14.88
CA ASN A 73 -8.56 -5.68 -15.81
C ASN A 73 -8.35 -5.30 -17.25
N ALA A 74 -8.28 -4.00 -17.49
CA ALA A 74 -8.24 -3.46 -18.83
C ALA A 74 -6.88 -3.67 -19.45
N LYS A 75 -5.90 -4.04 -18.63
CA LYS A 75 -4.52 -4.17 -19.08
C LYS A 75 -4.01 -2.86 -19.65
N THR A 76 -4.38 -1.77 -19.00
CA THR A 76 -3.91 -0.43 -19.34
C THR A 76 -3.13 0.23 -18.21
N THR A 77 -3.04 -0.44 -17.05
CA THR A 77 -2.21 0.05 -15.95
C THR A 77 -1.49 -1.12 -15.31
N VAL A 78 -0.21 -0.92 -15.05
CA VAL A 78 0.58 -1.85 -14.24
C VAL A 78 0.88 -1.17 -12.90
N TYR A 79 0.47 -1.80 -11.82
CA TYR A 79 0.64 -1.26 -10.48
C TYR A 79 1.85 -1.87 -9.78
N LEU A 80 2.45 -1.09 -8.89
CA LEU A 80 3.43 -1.61 -7.94
C LEU A 80 3.02 -1.18 -6.55
N GLN A 81 2.45 -2.09 -5.78
CA GLN A 81 2.18 -1.81 -4.37
C GLN A 81 3.49 -1.95 -3.62
N MET A 82 3.90 -0.90 -2.91
N MET A 82 3.86 -0.90 -2.89
CA MET A 82 5.15 -0.95 -2.16
CA MET A 82 5.12 -0.85 -2.15
C MET A 82 4.89 -0.75 -0.68
C MET A 82 4.80 -0.75 -0.66
N ASN A 83 4.89 -1.87 0.03
CA ASN A 83 4.65 -1.87 1.47
C ASN A 83 5.95 -1.96 2.26
N SER A 84 5.87 -1.56 3.53
CA SER A 84 7.00 -1.71 4.45
C SER A 84 8.26 -1.08 3.86
N LEU A 85 8.10 0.15 3.38
CA LEU A 85 9.18 0.83 2.71
C LEU A 85 10.38 1.07 3.59
N LYS A 86 11.58 0.99 3.01
N LYS A 86 11.57 1.00 2.99
CA LYS A 86 12.82 1.18 3.75
CA LYS A 86 12.84 1.18 3.69
C LYS A 86 13.62 2.29 3.09
C LYS A 86 13.58 2.36 3.10
N PRO A 87 14.50 2.96 3.85
CA PRO A 87 15.33 4.02 3.26
C PRO A 87 16.02 3.59 1.97
N GLU A 88 16.45 2.34 1.88
CA GLU A 88 17.11 1.82 0.69
C GLU A 88 16.21 1.77 -0.56
N ASP A 89 14.91 1.97 -0.38
CA ASP A 89 13.96 1.97 -1.52
C ASP A 89 13.87 3.33 -2.19
N THR A 90 14.52 4.35 -1.63
CA THR A 90 14.52 5.68 -2.21
C THR A 90 15.12 5.63 -3.60
N ALA A 91 14.41 6.16 -4.59
CA ALA A 91 14.83 6.17 -5.98
C ALA A 91 13.76 6.81 -6.83
N VAL A 92 14.09 7.08 -8.09
CA VAL A 92 13.07 7.36 -9.10
C VAL A 92 12.67 6.02 -9.70
N TYR A 93 11.38 5.77 -9.78
CA TYR A 93 10.83 4.51 -10.27
C TYR A 93 10.27 4.71 -11.67
N TYR A 94 10.53 3.75 -12.55
CA TYR A 94 10.15 3.83 -13.95
C TYR A 94 9.53 2.53 -14.37
N CYS A 95 8.51 2.60 -15.20
N CYS A 95 8.56 2.62 -15.27
CA CYS A 95 8.00 1.36 -15.78
CA CYS A 95 7.88 1.46 -15.80
C CYS A 95 8.47 1.22 -17.21
C CYS A 95 8.24 1.24 -17.27
N ASN A 96 8.47 -0.01 -17.67
CA ASN A 96 8.82 -0.29 -19.06
C ASN A 96 8.47 -1.72 -19.40
N ALA A 97 8.60 -2.09 -20.67
CA ALA A 97 8.62 -3.51 -21.01
C ALA A 97 9.77 -4.20 -20.28
N ALA A 98 9.67 -5.51 -20.10
CA ALA A 98 10.72 -6.29 -19.45
C ALA A 98 10.81 -7.66 -20.15
N SER A 99 11.06 -7.62 -21.45
CA SER A 99 11.24 -8.86 -22.20
C SER A 99 12.47 -9.63 -21.74
N LEU A 100 12.37 -10.95 -21.65
CA LEU A 100 13.51 -11.77 -21.27
C LEU A 100 14.54 -11.76 -22.40
N VAL A 101 14.07 -11.45 -23.59
CA VAL A 101 14.91 -11.44 -24.78
C VAL A 101 15.38 -10.02 -25.05
N ARG A 102 14.46 -9.08 -25.07
N ARG A 102 14.45 -9.08 -25.06
CA ARG A 102 14.75 -7.72 -25.56
CA ARG A 102 14.69 -7.73 -25.56
C ARG A 102 14.92 -6.66 -24.47
C ARG A 102 14.62 -6.61 -24.52
N GLY A 103 14.51 -6.97 -23.24
CA GLY A 103 14.53 -5.99 -22.16
C GLY A 103 13.45 -4.93 -22.32
N PRO A 104 13.80 -3.66 -22.05
CA PRO A 104 12.81 -2.58 -22.12
C PRO A 104 12.61 -2.07 -23.53
N LEU A 105 11.63 -1.20 -23.71
CA LEU A 105 11.48 -0.47 -24.96
C LEU A 105 12.65 0.51 -25.10
N ASP A 106 12.77 1.12 -26.26
CA ASP A 106 13.92 1.97 -26.58
C ASP A 106 13.83 3.38 -26.00
N HIS A 107 12.91 3.56 -25.06
CA HIS A 107 12.75 4.86 -24.42
C HIS A 107 12.12 4.68 -23.06
N TRP A 108 12.17 5.76 -22.28
CA TRP A 108 11.70 5.75 -20.90
C TRP A 108 10.79 6.93 -20.65
N GLY A 109 9.85 6.75 -19.73
CA GLY A 109 9.00 7.84 -19.28
C GLY A 109 9.73 8.69 -18.26
N GLN A 110 8.99 9.63 -17.67
CA GLN A 110 9.59 10.58 -16.73
C GLN A 110 9.86 9.99 -15.34
N GLY A 111 9.23 8.86 -15.04
CA GLY A 111 9.35 8.26 -13.72
C GLY A 111 8.49 8.92 -12.66
N THR A 112 8.48 8.32 -11.48
CA THR A 112 7.85 8.90 -10.31
C THR A 112 8.79 8.76 -9.11
N GLN A 113 8.88 9.83 -8.32
CA GLN A 113 9.90 9.94 -7.28
C GLN A 113 9.45 9.32 -5.97
N VAL A 114 10.32 8.49 -5.39
CA VAL A 114 10.04 7.85 -4.12
C VAL A 114 11.16 8.19 -3.12
N THR A 115 10.79 8.76 -1.98
CA THR A 115 11.75 9.10 -0.95
C THR A 115 11.28 8.54 0.37
N VAL A 116 12.10 7.70 0.97
CA VAL A 116 11.76 7.09 2.24
C VAL A 116 12.74 7.62 3.25
N SER A 117 12.24 8.41 4.20
CA SER A 117 13.13 9.10 5.13
C SER A 117 12.41 9.46 6.42
N SER A 118 13.17 9.54 7.50
CA SER A 118 12.64 10.09 8.74
C SER A 118 12.32 11.55 8.53
N VAL B 2 4.01 13.52 16.33
CA VAL B 2 3.16 12.32 16.46
C VAL B 2 2.83 11.73 15.09
N GLN B 3 3.55 10.68 14.72
CA GLN B 3 3.44 10.08 13.40
C GLN B 3 2.64 8.78 13.43
N LEU B 4 1.70 8.67 12.50
CA LEU B 4 1.01 7.43 12.22
C LEU B 4 1.45 6.97 10.85
N VAL B 5 1.98 5.77 10.78
CA VAL B 5 2.56 5.28 9.53
C VAL B 5 1.88 3.99 9.12
N GLU B 6 1.15 4.04 8.01
CA GLU B 6 0.35 2.91 7.56
C GLU B 6 0.96 2.17 6.39
N SER B 7 0.76 0.87 6.36
CA SER B 7 1.23 0.04 5.27
C SER B 7 0.37 -1.19 5.16
N GLY B 8 0.54 -1.92 4.05
CA GLY B 8 -0.07 -3.23 3.93
C GLY B 8 -1.19 -3.34 2.92
N GLY B 9 -1.50 -2.23 2.26
CA GLY B 9 -2.53 -2.25 1.24
C GLY B 9 -2.15 -3.04 0.01
N GLY B 10 -3.01 -2.98 -0.99
CA GLY B 10 -2.77 -3.66 -2.25
C GLY B 10 -4.03 -3.83 -3.06
N LEU B 11 -3.87 -4.50 -4.18
CA LEU B 11 -4.95 -4.81 -5.08
C LEU B 11 -5.10 -6.32 -5.07
N VAL B 12 -6.29 -6.79 -4.68
CA VAL B 12 -6.56 -8.21 -4.53
C VAL B 12 -7.91 -8.57 -5.13
N GLN B 13 -8.09 -9.86 -5.39
CA GLN B 13 -9.36 -10.39 -5.86
C GLN B 13 -10.30 -10.51 -4.67
N PRO B 14 -11.63 -10.47 -4.92
CA PRO B 14 -12.59 -10.81 -3.86
C PRO B 14 -12.26 -12.18 -3.32
N GLY B 15 -12.31 -12.33 -2.00
CA GLY B 15 -11.92 -13.56 -1.35
C GLY B 15 -10.47 -13.54 -0.87
N GLY B 16 -9.70 -12.54 -1.30
CA GLY B 16 -8.32 -12.39 -0.88
C GLY B 16 -8.13 -11.78 0.49
N SER B 17 -6.88 -11.50 0.82
CA SER B 17 -6.53 -11.02 2.14
C SER B 17 -5.40 -10.02 2.06
N LEU B 18 -5.39 -9.11 3.02
CA LEU B 18 -4.30 -8.16 3.22
C LEU B 18 -4.10 -8.02 4.72
N ARG B 19 -2.90 -7.63 5.13
CA ARG B 19 -2.65 -7.31 6.51
C ARG B 19 -2.15 -5.88 6.59
N LEU B 20 -2.91 -5.00 7.19
CA LEU B 20 -2.48 -3.62 7.35
C LEU B 20 -1.69 -3.46 8.64
N SER B 21 -0.73 -2.54 8.62
CA SER B 21 0.04 -2.22 9.82
C SER B 21 -0.01 -0.73 10.07
N CYS B 22 -0.07 -0.38 11.36
CA CYS B 22 -0.06 0.99 11.82
C CYS B 22 1.07 1.10 12.83
N ALA B 23 2.13 1.80 12.45
CA ALA B 23 3.29 1.98 13.33
C ALA B 23 3.24 3.36 13.93
N ALA B 24 3.45 3.40 15.23
CA ALA B 24 3.51 4.66 15.96
C ALA B 24 4.31 4.39 17.22
N SER B 25 4.56 5.45 17.99
CA SER B 25 5.30 5.31 19.22
C SER B 25 4.55 4.41 20.21
N ARG B 26 5.30 3.75 21.08
CA ARG B 26 4.71 2.90 22.09
C ARG B 26 3.81 3.71 23.02
N SER B 27 4.19 4.95 23.28
N SER B 27 4.17 4.95 23.29
CA SER B 27 3.38 5.82 24.14
CA SER B 27 3.36 5.80 24.16
C SER B 27 1.97 5.97 23.58
C SER B 27 1.96 6.01 23.58
N ILE B 28 1.87 6.09 22.26
CA ILE B 28 0.57 6.21 21.62
C ILE B 28 -0.19 4.88 21.64
N ILE B 29 0.44 3.84 21.09
CA ILE B 29 -0.25 2.58 20.89
C ILE B 29 -0.56 1.84 22.19
N SER B 30 0.35 1.88 23.16
CA SER B 30 0.14 1.11 24.39
C SER B 30 -0.90 1.76 25.32
N ASN B 31 -1.03 3.09 25.24
CA ASN B 31 -1.82 3.82 26.22
C ASN B 31 -3.19 4.26 25.74
N ASN B 32 -3.44 4.13 24.44
CA ASN B 32 -4.69 4.57 23.84
C ASN B 32 -5.40 3.44 23.13
N ALA B 33 -6.72 3.51 23.12
CA ALA B 33 -7.49 2.68 22.21
C ALA B 33 -7.08 3.11 20.81
N MET B 34 -6.87 2.12 19.95
CA MET B 34 -6.45 2.38 18.58
C MET B 34 -7.51 1.88 17.60
N GLY B 35 -7.65 2.55 16.47
CA GLY B 35 -8.66 2.17 15.52
C GLY B 35 -8.13 2.17 14.12
N TRP B 36 -8.75 1.33 13.31
CA TRP B 36 -8.59 1.36 11.88
C TRP B 36 -9.85 1.92 11.25
N TYR B 37 -9.65 2.90 10.38
CA TYR B 37 -10.71 3.65 9.70
C TYR B 37 -10.52 3.46 8.21
N ARG B 38 -11.56 3.77 7.43
CA ARG B 38 -11.42 3.72 5.97
C ARG B 38 -12.29 4.78 5.33
N GLN B 39 -11.89 5.17 4.13
CA GLN B 39 -12.68 6.12 3.38
C GLN B 39 -12.67 5.71 1.91
N ALA B 40 -13.85 5.37 1.41
CA ALA B 40 -14.05 5.02 0.02
C ALA B 40 -14.43 6.29 -0.75
N PRO B 41 -14.22 6.30 -2.09
N PRO B 41 -14.21 6.28 -2.09
CA PRO B 41 -14.54 7.50 -2.86
CA PRO B 41 -14.64 7.40 -2.92
C PRO B 41 -15.94 8.03 -2.61
C PRO B 41 -16.14 7.69 -2.73
N GLY B 42 -16.05 9.33 -2.33
N GLY B 42 -16.48 8.96 -2.61
CA GLY B 42 -17.35 9.97 -2.14
CA GLY B 42 -17.86 9.35 -2.43
C GLY B 42 -18.00 9.76 -0.78
C GLY B 42 -18.47 8.94 -1.12
N LYS B 43 -17.63 8.66 -0.12
CA LYS B 43 -18.14 8.30 1.21
C LYS B 43 -17.40 8.98 2.36
N GLN B 44 -18.04 9.01 3.52
CA GLN B 44 -17.41 9.51 4.74
C GLN B 44 -16.47 8.48 5.32
N ARG B 45 -15.41 8.96 5.97
CA ARG B 45 -14.51 8.08 6.69
C ARG B 45 -15.28 7.40 7.82
N GLU B 46 -15.01 6.11 7.99
CA GLU B 46 -15.71 5.31 8.99
C GLU B 46 -14.73 4.40 9.74
N LEU B 47 -15.00 4.20 11.02
CA LEU B 47 -14.21 3.31 11.83
C LEU B 47 -14.68 1.88 11.59
N VAL B 48 -13.75 0.97 11.32
CA VAL B 48 -14.14 -0.42 11.14
C VAL B 48 -13.73 -1.33 12.27
N ALA B 49 -12.68 -0.97 13.03
CA ALA B 49 -12.24 -1.82 14.12
C ALA B 49 -11.52 -0.99 15.14
N ARG B 50 -11.68 -1.37 16.41
N ARG B 50 -11.71 -1.32 16.42
CA ARG B 50 -11.06 -0.69 17.53
CA ARG B 50 -10.95 -0.68 17.48
C ARG B 50 -10.49 -1.73 18.51
C ARG B 50 -10.46 -1.72 18.48
N ILE B 51 -9.34 -1.42 19.11
CA ILE B 51 -8.80 -2.25 20.16
C ILE B 51 -8.46 -1.37 21.35
N SER B 52 -9.09 -1.66 22.48
CA SER B 52 -8.86 -0.84 23.67
C SER B 52 -7.43 -1.04 24.14
N SER B 53 -6.97 -0.15 25.01
CA SER B 53 -5.63 -0.32 25.57
C SER B 53 -5.50 -1.67 26.32
N GLY B 54 -6.60 -2.15 26.88
CA GLY B 54 -6.63 -3.42 27.57
C GLY B 54 -6.76 -4.63 26.67
N GLY B 55 -7.00 -4.40 25.38
CA GLY B 55 -7.04 -5.49 24.43
C GLY B 55 -8.42 -5.90 23.94
N ARG B 56 -9.47 -5.22 24.40
N ARG B 56 -9.47 -5.21 24.39
CA ARG B 56 -10.83 -5.53 23.94
CA ARG B 56 -10.82 -5.51 23.94
C ARG B 56 -11.06 -5.05 22.52
C ARG B 56 -10.97 -5.07 22.49
N THR B 57 -11.48 -5.96 21.65
CA THR B 57 -11.69 -5.64 20.25
C THR B 57 -13.17 -5.43 19.97
N THR B 58 -13.46 -4.45 19.13
CA THR B 58 -14.83 -4.16 18.71
C THR B 58 -14.80 -3.86 17.23
N TYR B 59 -15.80 -4.35 16.52
CA TYR B 59 -15.84 -4.26 15.06
C TYR B 59 -17.12 -3.64 14.56
N ALA B 60 -17.01 -2.90 13.46
CA ALA B 60 -18.20 -2.51 12.71
C ALA B 60 -18.87 -3.79 12.17
N ASP B 61 -20.19 -3.77 12.10
CA ASP B 61 -20.94 -4.96 11.71
C ASP B 61 -20.52 -5.51 10.36
N SER B 62 -20.17 -4.63 9.43
CA SER B 62 -19.88 -5.11 8.08
C SER B 62 -18.56 -5.84 7.93
N VAL B 63 -17.70 -5.80 8.96
CA VAL B 63 -16.42 -6.49 8.88
C VAL B 63 -16.28 -7.61 9.91
N LYS B 64 -17.27 -7.76 10.78
CA LYS B 64 -17.25 -8.82 11.79
C LYS B 64 -17.06 -10.19 11.17
N GLY B 65 -16.14 -10.97 11.73
CA GLY B 65 -15.91 -12.31 11.25
C GLY B 65 -14.93 -12.36 10.09
N ARG B 66 -14.56 -11.19 9.58
CA ARG B 66 -13.62 -11.12 8.46
C ARG B 66 -12.33 -10.37 8.83
N PHE B 67 -12.46 -9.28 9.57
CA PHE B 67 -11.29 -8.48 9.94
C PHE B 67 -10.94 -8.72 11.41
N THR B 68 -9.65 -8.69 11.73
CA THR B 68 -9.23 -8.84 13.11
C THR B 68 -8.19 -7.77 13.40
N ILE B 69 -8.40 -7.02 14.47
CA ILE B 69 -7.46 -5.99 14.89
C ILE B 69 -6.62 -6.52 16.05
N SER B 70 -5.33 -6.19 16.08
CA SER B 70 -4.48 -6.65 17.16
C SER B 70 -3.35 -5.67 17.37
N ARG B 71 -2.77 -5.74 18.56
CA ARG B 71 -1.65 -4.90 18.91
C ARG B 71 -0.50 -5.88 19.18
N ASP B 72 0.67 -5.62 18.60
CA ASP B 72 1.76 -6.56 18.76
C ASP B 72 2.35 -6.54 20.16
N ASN B 73 3.23 -7.49 20.46
CA ASN B 73 3.77 -7.61 21.81
C ASN B 73 4.56 -6.37 22.24
N ALA B 74 5.22 -5.73 21.27
CA ALA B 74 6.00 -4.54 21.56
C ALA B 74 5.11 -3.32 21.77
N LYS B 75 3.84 -3.44 21.37
N LYS B 75 3.84 -3.46 21.37
CA LYS B 75 2.89 -2.34 21.44
CA LYS B 75 2.88 -2.36 21.40
C LYS B 75 3.33 -1.13 20.63
C LYS B 75 3.36 -1.13 20.64
N THR B 76 3.97 -1.39 19.48
CA THR B 76 4.38 -0.33 18.57
C THR B 76 3.79 -0.52 17.17
N THR B 77 3.02 -1.60 16.95
CA THR B 77 2.26 -1.75 15.72
C THR B 77 0.87 -2.27 16.03
N VAL B 78 -0.13 -1.68 15.37
CA VAL B 78 -1.49 -2.20 15.41
C VAL B 78 -1.79 -2.75 14.02
N TYR B 79 -2.18 -4.03 13.97
CA TYR B 79 -2.45 -4.68 12.70
C TYR B 79 -3.95 -4.80 12.42
N LEU B 80 -4.30 -4.78 11.14
CA LEU B 80 -5.65 -5.15 10.74
C LEU B 80 -5.54 -6.28 9.74
N GLN B 81 -5.85 -7.50 10.18
CA GLN B 81 -5.90 -8.61 9.25
C GLN B 81 -7.23 -8.56 8.53
N MET B 82 -7.22 -8.43 7.21
N MET B 82 -7.19 -8.46 7.21
CA MET B 82 -8.45 -8.36 6.45
CA MET B 82 -8.38 -8.34 6.37
C MET B 82 -8.57 -9.60 5.59
C MET B 82 -8.55 -9.62 5.57
N ASN B 83 -9.40 -10.52 6.03
CA ASN B 83 -9.66 -11.76 5.32
C ASN B 83 -10.97 -11.67 4.56
N SER B 84 -11.14 -12.55 3.57
CA SER B 84 -12.38 -12.68 2.85
C SER B 84 -12.83 -11.32 2.30
N LEU B 85 -11.90 -10.62 1.66
CA LEU B 85 -12.16 -9.28 1.17
C LEU B 85 -13.27 -9.24 0.13
N LYS B 86 -14.04 -8.15 0.18
CA LYS B 86 -15.18 -7.92 -0.69
C LYS B 86 -14.97 -6.63 -1.47
N PRO B 87 -15.59 -6.51 -2.64
CA PRO B 87 -15.47 -5.26 -3.41
C PRO B 87 -15.79 -4.02 -2.56
N GLU B 88 -16.77 -4.13 -1.66
CA GLU B 88 -17.19 -3.04 -0.78
C GLU B 88 -16.12 -2.59 0.21
N ASP B 89 -15.03 -3.35 0.33
CA ASP B 89 -13.95 -3.02 1.26
C ASP B 89 -12.93 -2.10 0.61
N THR B 90 -13.09 -1.82 -0.68
CA THR B 90 -12.20 -0.89 -1.36
C THR B 90 -12.25 0.49 -0.71
N ALA B 91 -11.10 1.03 -0.35
CA ALA B 91 -11.01 2.32 0.33
C ALA B 91 -9.54 2.61 0.65
N VAL B 92 -9.26 3.85 1.05
CA VAL B 92 -8.00 4.15 1.69
C VAL B 92 -8.20 3.93 3.19
N TYR B 93 -7.28 3.19 3.80
CA TYR B 93 -7.38 2.85 5.22
C TYR B 93 -6.39 3.66 6.04
N TYR B 94 -6.83 4.11 7.20
CA TYR B 94 -6.06 4.98 8.07
C TYR B 94 -6.15 4.48 9.50
N CYS B 95 -5.05 4.59 10.25
N CYS B 95 -5.06 4.65 10.26
CA CYS B 95 -5.15 4.31 11.67
CA CYS B 95 -5.02 4.28 11.65
C CYS B 95 -5.13 5.60 12.47
C CYS B 95 -4.90 5.50 12.57
N ASN B 96 -5.60 5.48 13.70
CA ASN B 96 -5.56 6.60 14.63
C ASN B 96 -5.94 6.13 16.00
N ALA B 97 -5.85 7.02 16.98
CA ALA B 97 -6.55 6.79 18.24
C ALA B 97 -8.04 6.59 17.96
N ALA B 98 -8.70 5.93 18.89
CA ALA B 98 -10.13 5.71 18.81
C ALA B 98 -10.69 5.81 20.22
N SER B 99 -10.45 6.97 20.85
CA SER B 99 -10.99 7.20 22.18
C SER B 99 -12.51 7.23 22.13
N LEU B 100 -13.14 6.52 23.06
CA LEU B 100 -14.60 6.53 23.17
C LEU B 100 -15.16 7.84 23.70
N VAL B 101 -14.28 8.77 24.10
CA VAL B 101 -14.71 10.13 24.46
C VAL B 101 -14.22 11.17 23.46
N ARG B 102 -12.95 11.10 23.08
CA ARG B 102 -12.30 12.13 22.28
C ARG B 102 -12.15 11.78 20.79
N GLY B 103 -12.49 10.54 20.41
CA GLY B 103 -12.32 10.12 19.04
C GLY B 103 -10.86 10.04 18.61
N PRO B 104 -10.59 10.33 17.33
N PRO B 104 -10.57 10.42 17.35
CA PRO B 104 -9.22 10.23 16.82
CA PRO B 104 -9.22 10.37 16.78
C PRO B 104 -8.37 11.43 17.22
C PRO B 104 -8.33 11.55 17.17
N LEU B 105 -7.07 11.34 16.97
N LEU B 105 -7.04 11.26 17.37
CA LEU B 105 -6.18 12.47 17.14
CA LEU B 105 -6.01 12.25 17.69
C LEU B 105 -6.50 13.52 16.09
C LEU B 105 -4.67 11.53 17.57
N ASP B 106 -5.94 14.72 16.27
N ASP B 106 -3.71 12.14 16.86
CA ASP B 106 -6.25 15.85 15.40
CA ASP B 106 -3.87 13.46 16.27
C ASP B 106 -5.43 15.83 14.12
C ASP B 106 -3.95 13.40 14.74
N HIS B 107 -4.78 14.71 13.86
N HIS B 107 -2.99 14.06 14.10
CA HIS B 107 -4.04 14.57 12.61
CA HIS B 107 -2.95 14.21 12.65
C HIS B 107 -4.19 13.16 12.05
C HIS B 107 -3.05 12.89 11.89
N TRP B 108 -3.91 13.04 10.76
N TRP B 108 -3.97 12.85 10.94
CA TRP B 108 -4.04 11.78 10.05
CA TRP B 108 -4.15 11.69 10.06
C TRP B 108 -2.76 11.54 9.29
C TRP B 108 -2.92 11.50 9.17
N GLY B 109 -2.43 10.26 9.11
CA GLY B 109 -1.32 9.91 8.27
C GLY B 109 -1.77 9.82 6.81
N GLN B 110 -0.90 9.26 5.98
CA GLN B 110 -1.14 9.19 4.53
C GLN B 110 -2.10 8.07 4.13
N GLY B 111 -2.28 7.10 5.01
CA GLY B 111 -3.12 5.96 4.70
C GLY B 111 -2.45 4.91 3.83
N THR B 112 -3.16 3.82 3.62
CA THR B 112 -2.72 2.80 2.70
C THR B 112 -3.91 2.35 1.85
N GLN B 113 -3.66 2.14 0.56
CA GLN B 113 -4.71 1.93 -0.42
C GLN B 113 -5.10 0.46 -0.54
N VAL B 114 -6.40 0.19 -0.51
CA VAL B 114 -6.93 -1.17 -0.66
C VAL B 114 -7.93 -1.18 -1.80
N THR B 115 -7.70 -2.06 -2.77
CA THR B 115 -8.59 -2.20 -3.90
C THR B 115 -8.94 -3.66 -4.05
N VAL B 116 -10.23 -3.98 -3.99
CA VAL B 116 -10.70 -5.34 -4.13
C VAL B 116 -11.52 -5.38 -5.39
N SER B 117 -11.07 -6.15 -6.39
CA SER B 117 -11.76 -6.19 -7.67
C SER B 117 -11.34 -7.34 -8.56
N SER B 118 -11.98 -7.38 -9.74
CA SER B 118 -11.66 -8.31 -10.82
C SER B 118 -12.00 -9.74 -10.45
CL CL C . 7.00 12.23 -8.98
CL CL D . 4.51 7.89 5.97
CL CL E . -0.61 2.54 -0.41
C1 GOL F . -10.00 -1.70 28.30
O1 GOL F . -8.97 -0.80 27.99
C2 GOL F . -11.28 -0.93 28.64
O2 GOL F . -11.11 0.44 28.39
C3 GOL F . -11.62 -1.14 30.11
O3 GOL F . -10.55 -1.79 30.75
CL CL G . -15.22 11.87 6.26
#